data_8GLE
#
_entry.id   8GLE
#
_cell.length_a   57.871
_cell.length_b   79.525
_cell.length_c   93.174
_cell.angle_alpha   90.00
_cell.angle_beta   90.00
_cell.angle_gamma   90.00
#
_symmetry.space_group_name_H-M   'P 21 21 21'
#
loop_
_entity.id
_entity.type
_entity.pdbx_description
1 polymer 'T-cell surface glycoprotein CD1b'
2 polymer Beta-2-microglobulin
3 branched alpha-D-mannopyranose-(1-3)-[alpha-D-mannopyranose-(1-6)]beta-D-mannopyranose-(1-4)-2-acetamido-2-deoxy-beta-D-glucopyranose-(1-4)-[alpha-L-fucopyranose-(1-3)][alpha-L-fucopyranose-(1-6)]2-acetamido-2-deoxy-beta-D-glucopyranose
4 branched 2-acetamido-2-deoxy-beta-D-glucopyranose-(1-4)-[alpha-L-fucopyranose-(1-6)]2-acetamido-2-deoxy-beta-D-glucopyranose
5 non-polymer '(2S,3R,4E)-2-amino-3-hydroxyoctadec-4-en-1-yl 3-O-sulfo-beta-D-galactopyranoside'
6 non-polymer 'tetracosyl octadecanoate'
7 non-polymer 'IODIDE ION'
8 non-polymer 1,2-ETHANEDIOL
9 non-polymer 'CHLORIDE ION'
10 water water
#
loop_
_entity_poly.entity_id
_entity_poly.type
_entity_poly.pdbx_seq_one_letter_code
_entity_poly.pdbx_strand_id
1 'polypeptide(L)'
;HAFQGPTSFHVIQTSSFTNSTWAQTQGSGWLDDLQIHGWDSDSGTAIFLKPWSKGNFSDKEVAELEEIFRVYIFGFAREV
QDFAGDFQMKYPFEIQGIAGCELHSGGAIVSFLRGALGGLDFLSVKNASCVPSPEGGSRAQKFCALIIQYQGIMETVRIL
LYETCPRYLLGVLNAGKADLQRQVKPEAWLSSGPSPGPGRLQLVCHVSGFYPKPVWVMWMRGEQEQQGTQLGDILPNANW
TWYLRATLDVADGEAAGLSCRVKHSSLEGQDIILYWRGSGLNDIFEAQKIEWHEHHHHHH
;
A
2 'polypeptide(L)'
;PKIQRTPKIQVYSRHPAENGKSNFLNCYVSGFHPSDIEVDLLKNGERIEKVEHSDLSFSKDWSFYLLYYTEFTPTEKDEY
ACRVNHVTLSQPKIVKWDRDM
;
B
#
# COMPACT_ATOMS: atom_id res chain seq x y z
N PHE A 3 11.81 -14.90 12.75
CA PHE A 3 10.85 -13.97 13.31
C PHE A 3 9.89 -13.54 12.22
N GLN A 4 8.64 -13.28 12.61
CA GLN A 4 7.59 -12.93 11.66
C GLN A 4 7.45 -11.42 11.57
N GLY A 5 6.56 -10.97 10.70
CA GLY A 5 6.37 -9.55 10.52
C GLY A 5 7.35 -8.93 9.53
N PRO A 6 7.29 -7.60 9.41
CA PRO A 6 8.13 -6.89 8.42
C PRO A 6 9.62 -7.08 8.70
N THR A 7 10.41 -6.89 7.64
CA THR A 7 11.85 -7.08 7.67
C THR A 7 12.59 -5.92 7.03
N SER A 8 11.87 -4.87 6.63
CA SER A 8 12.48 -3.75 5.91
C SER A 8 11.91 -2.45 6.40
N PHE A 9 12.68 -1.38 6.19
CA PHE A 9 12.24 -0.03 6.48
C PHE A 9 12.47 0.81 5.25
N HIS A 10 11.51 1.65 4.89
CA HIS A 10 11.81 2.60 3.84
C HIS A 10 11.01 3.89 4.01
N VAL A 11 11.55 4.95 3.43
CA VAL A 11 10.90 6.25 3.38
C VAL A 11 10.50 6.47 1.93
N ILE A 12 9.37 7.14 1.72
CA ILE A 12 8.96 7.48 0.37
C ILE A 12 8.73 8.98 0.27
N GLN A 13 8.91 9.48 -0.96
CA GLN A 13 8.72 10.87 -1.36
C GLN A 13 7.81 10.89 -2.56
N THR A 14 6.80 11.77 -2.57
CA THR A 14 6.07 12.10 -3.79
C THR A 14 6.10 13.61 -3.92
N SER A 15 6.76 14.13 -4.95
CA SER A 15 6.89 15.57 -5.16
C SER A 15 6.11 15.95 -6.40
N SER A 16 5.09 16.80 -6.23
CA SER A 16 4.16 17.14 -7.30
C SER A 16 4.42 18.57 -7.75
N PHE A 17 4.82 18.72 -9.00
CA PHE A 17 5.17 20.01 -9.58
C PHE A 17 4.03 20.49 -10.47
N THR A 18 3.26 21.46 -9.96
CA THR A 18 2.15 21.99 -10.74
C THR A 18 2.64 22.93 -11.83
N ASN A 19 3.47 23.89 -11.45
CA ASN A 19 4.05 24.82 -12.40
C ASN A 19 5.40 25.27 -11.85
N SER A 20 6.04 26.20 -12.54
CA SER A 20 7.37 26.67 -12.15
C SER A 20 7.38 27.30 -10.77
N THR A 21 6.23 27.74 -10.25
CA THR A 21 6.20 28.40 -8.95
C THR A 21 5.45 27.61 -7.88
N TRP A 22 4.99 26.39 -8.15
CA TRP A 22 4.22 25.69 -7.13
C TRP A 22 4.53 24.19 -7.18
N ALA A 23 5.08 23.68 -6.08
CA ALA A 23 5.36 22.27 -5.92
C ALA A 23 5.08 21.89 -4.46
N GLN A 24 4.67 20.65 -4.26
CA GLN A 24 4.38 20.14 -2.93
C GLN A 24 4.86 18.71 -2.82
N THR A 25 5.33 18.33 -1.62
CA THR A 25 5.91 17.01 -1.38
C THR A 25 5.18 16.34 -0.22
N GLN A 26 4.91 15.04 -0.37
CA GLN A 26 4.36 14.20 0.68
C GLN A 26 5.37 13.10 1.00
N GLY A 27 5.48 12.72 2.26
CA GLY A 27 6.46 11.71 2.60
C GLY A 27 5.95 10.89 3.77
N SER A 28 6.58 9.73 3.97
CA SER A 28 6.18 8.82 5.03
C SER A 28 7.24 7.73 5.17
N GLY A 29 7.20 7.04 6.31
CA GLY A 29 8.14 5.96 6.60
C GLY A 29 7.38 4.69 6.93
N TRP A 30 7.92 3.55 6.49
CA TRP A 30 7.15 2.32 6.47
C TRP A 30 8.01 1.13 6.90
N LEU A 31 7.39 0.17 7.59
CA LEU A 31 7.95 -1.16 7.76
C LEU A 31 7.15 -2.07 6.84
N ASP A 32 7.80 -2.57 5.78
CA ASP A 32 7.09 -3.20 4.67
C ASP A 32 5.97 -2.25 4.25
N ASP A 33 4.70 -2.68 4.34
CA ASP A 33 3.61 -1.75 4.04
C ASP A 33 2.86 -1.29 5.29
N LEU A 34 3.48 -1.36 6.47
CA LEU A 34 2.92 -0.79 7.69
C LEU A 34 3.49 0.60 7.91
N GLN A 35 2.64 1.62 8.01
CA GLN A 35 3.19 2.96 8.11
C GLN A 35 3.53 3.26 9.57
N ILE A 36 4.74 3.77 9.80
CA ILE A 36 5.17 4.13 11.16
C ILE A 36 5.60 5.58 11.28
N HIS A 37 5.84 6.28 10.16
CA HIS A 37 6.14 7.71 10.19
C HIS A 37 5.22 8.44 9.22
N GLY A 38 4.75 9.61 9.64
CA GLY A 38 4.17 10.56 8.71
C GLY A 38 5.10 11.76 8.55
N TRP A 39 4.94 12.52 7.48
CA TRP A 39 5.66 13.77 7.32
C TRP A 39 4.66 14.91 7.38
N ASP A 40 4.86 15.84 8.31
CA ASP A 40 3.94 16.95 8.50
C ASP A 40 4.45 18.19 7.76
N SER A 41 3.84 18.50 6.61
N SER A 41 3.84 18.50 6.61
CA SER A 41 4.25 19.67 5.85
CA SER A 41 4.27 19.68 5.86
C SER A 41 3.93 20.98 6.57
C SER A 41 3.93 20.98 6.56
N ASP A 42 3.00 20.98 7.52
CA ASP A 42 2.72 22.17 8.32
C ASP A 42 3.94 22.63 9.12
N SER A 43 4.68 21.68 9.66
CA SER A 43 5.77 21.95 10.59
C SER A 43 7.14 21.56 10.06
N GLY A 44 7.21 20.81 8.97
CA GLY A 44 8.48 20.27 8.53
C GLY A 44 9.10 19.28 9.49
N THR A 45 8.28 18.51 10.20
CA THR A 45 8.77 17.49 11.12
C THR A 45 8.01 16.19 10.88
N ALA A 46 8.55 15.11 11.42
CA ALA A 46 7.90 13.82 11.27
C ALA A 46 6.78 13.65 12.29
N ILE A 47 5.84 12.78 11.96
CA ILE A 47 4.82 12.32 12.91
C ILE A 47 5.13 10.87 13.22
N PHE A 48 5.27 10.56 14.51
CA PHE A 48 5.61 9.18 14.92
C PHE A 48 4.32 8.45 15.26
N LEU A 49 3.96 7.46 14.43
CA LEU A 49 2.64 6.85 14.52
C LEU A 49 2.55 5.80 15.60
N LYS A 50 3.67 5.22 16.03
CA LYS A 50 3.70 4.25 17.11
C LYS A 50 4.66 4.73 18.19
N PRO A 51 4.43 4.37 19.45
CA PRO A 51 5.31 4.86 20.53
C PRO A 51 6.75 4.42 20.35
N TRP A 52 6.99 3.37 19.57
CA TRP A 52 8.32 2.82 19.36
C TRP A 52 8.93 3.25 18.03
N SER A 53 8.27 4.17 17.31
CA SER A 53 8.68 4.56 15.95
C SER A 53 10.06 5.19 15.88
N LYS A 54 10.64 5.62 16.99
CA LYS A 54 12.00 6.13 16.94
C LYS A 54 13.04 5.02 17.05
N GLY A 55 12.60 3.76 17.23
CA GLY A 55 13.53 2.65 17.37
C GLY A 55 14.42 2.89 18.57
N ASN A 56 15.72 2.67 18.39
CA ASN A 56 16.67 2.91 19.47
C ASN A 56 17.41 4.22 19.32
N PHE A 57 16.96 5.10 18.41
CA PHE A 57 17.62 6.38 18.18
C PHE A 57 17.24 7.38 19.27
N SER A 58 18.20 8.22 19.62
CA SER A 58 17.97 9.29 20.59
C SER A 58 17.14 10.41 19.97
N ASP A 59 16.49 11.20 20.84
CA ASP A 59 15.76 12.36 20.37
C ASP A 59 16.65 13.26 19.52
N LYS A 60 17.92 13.39 19.94
CA LYS A 60 18.84 14.27 19.24
C LYS A 60 19.09 13.81 17.82
N GLU A 61 19.35 12.52 17.63
CA GLU A 61 19.60 12.06 16.26
C GLU A 61 18.33 12.14 15.42
N VAL A 62 17.18 11.86 16.03
CA VAL A 62 15.93 11.91 15.28
C VAL A 62 15.68 13.32 14.77
N ALA A 63 15.87 14.31 15.64
CA ALA A 63 15.74 15.69 15.20
C ALA A 63 16.71 16.02 14.08
N GLU A 64 17.95 15.54 14.17
CA GLU A 64 18.92 15.83 13.12
C GLU A 64 18.48 15.23 11.79
N LEU A 65 17.88 14.04 11.82
CA LEU A 65 17.38 13.45 10.58
C LEU A 65 16.18 14.23 10.04
N GLU A 66 15.26 14.65 10.91
CA GLU A 66 14.14 15.49 10.45
C GLU A 66 14.66 16.73 9.75
N GLU A 67 15.69 17.35 10.31
CA GLU A 67 16.24 18.54 9.69
C GLU A 67 16.87 18.22 8.33
N ILE A 68 17.60 17.11 8.24
CA ILE A 68 18.11 16.68 6.94
C ILE A 68 16.99 16.56 5.93
N PHE A 69 15.87 15.94 6.34
CA PHE A 69 14.77 15.71 5.40
C PHE A 69 14.08 17.02 5.06
N ARG A 70 13.93 17.92 6.04
CA ARG A 70 13.29 19.22 5.77
C ARG A 70 14.11 20.04 4.80
N VAL A 71 15.44 20.07 4.98
CA VAL A 71 16.31 20.78 4.05
C VAL A 71 16.28 20.12 2.69
N TYR A 72 16.37 18.80 2.67
CA TYR A 72 16.31 18.08 1.39
C TYR A 72 15.01 18.38 0.65
N ILE A 73 13.86 18.31 1.35
CA ILE A 73 12.56 18.55 0.70
C ILE A 73 12.53 19.94 0.07
N PHE A 74 13.04 20.95 0.77
CA PHE A 74 13.01 22.30 0.24
C PHE A 74 13.97 22.43 -0.94
N GLY A 75 15.21 21.99 -0.77
CA GLY A 75 16.21 22.15 -1.81
C GLY A 75 15.89 21.35 -3.06
N PHE A 76 15.29 20.17 -2.88
CA PHE A 76 14.92 19.36 -4.03
C PHE A 76 13.94 20.09 -4.92
N ALA A 77 12.86 20.63 -4.35
CA ALA A 77 11.90 21.40 -5.13
C ALA A 77 12.57 22.61 -5.77
N ARG A 78 13.38 23.34 -5.00
CA ARG A 78 14.04 24.53 -5.53
C ARG A 78 14.88 24.19 -6.76
N GLU A 79 15.71 23.16 -6.65
CA GLU A 79 16.65 22.86 -7.75
C GLU A 79 15.93 22.26 -8.94
N VAL A 80 14.90 21.44 -8.71
CA VAL A 80 14.11 20.89 -9.82
C VAL A 80 13.50 22.02 -10.64
N GLN A 81 12.96 23.03 -9.95
CA GLN A 81 12.38 24.17 -10.67
C GLN A 81 13.43 24.96 -11.43
N ASP A 82 14.63 25.10 -10.85
CA ASP A 82 15.66 25.89 -11.51
C ASP A 82 16.14 25.21 -12.79
N PHE A 83 16.26 23.88 -12.76
CA PHE A 83 16.79 23.13 -13.90
C PHE A 83 15.72 22.59 -14.84
N ALA A 84 14.43 22.81 -14.53
CA ALA A 84 13.37 22.23 -15.35
C ALA A 84 13.48 22.64 -16.82
N GLY A 85 13.91 23.88 -17.07
CA GLY A 85 14.09 24.32 -18.45
C GLY A 85 15.19 23.54 -19.16
N ASP A 86 16.34 23.36 -18.50
CA ASP A 86 17.44 22.65 -19.14
C ASP A 86 17.12 21.17 -19.33
N PHE A 87 16.28 20.60 -18.47
CA PHE A 87 15.86 19.22 -18.59
C PHE A 87 14.58 19.06 -19.40
N GLN A 88 14.15 20.15 -20.04
CA GLN A 88 13.03 20.13 -20.98
C GLN A 88 11.78 19.50 -20.36
N MET A 89 11.49 19.93 -19.14
CA MET A 89 10.35 19.41 -18.38
C MET A 89 9.08 20.14 -18.78
N LYS A 90 8.00 19.38 -18.91
CA LYS A 90 6.69 19.92 -19.19
C LYS A 90 5.81 19.71 -17.95
N TYR A 91 5.30 20.80 -17.40
CA TYR A 91 4.43 20.75 -16.23
C TYR A 91 3.00 20.38 -16.65
N PRO A 92 2.26 19.69 -15.79
CA PRO A 92 2.69 19.26 -14.45
C PRO A 92 3.46 17.94 -14.56
N PHE A 93 4.31 17.66 -13.58
CA PHE A 93 4.95 16.36 -13.52
C PHE A 93 5.12 15.97 -12.06
N GLU A 94 5.40 14.70 -11.83
CA GLU A 94 5.47 14.15 -10.48
C GLU A 94 6.69 13.26 -10.38
N ILE A 95 7.47 13.45 -9.32
CA ILE A 95 8.66 12.65 -9.07
C ILE A 95 8.41 11.81 -7.81
N GLN A 96 8.88 10.56 -7.82
CA GLN A 96 8.74 9.70 -6.66
C GLN A 96 10.12 9.17 -6.28
N GLY A 97 10.26 8.85 -5.01
CA GLY A 97 11.50 8.28 -4.52
C GLY A 97 11.19 7.31 -3.40
N ILE A 98 12.03 6.29 -3.27
CA ILE A 98 11.94 5.35 -2.17
C ILE A 98 13.36 4.95 -1.79
N ALA A 99 13.63 4.93 -0.50
CA ALA A 99 14.96 4.56 -0.03
C ALA A 99 14.80 3.83 1.30
N GLY A 100 15.68 2.88 1.55
CA GLY A 100 15.66 2.21 2.83
C GLY A 100 16.51 0.95 2.79
N CYS A 101 16.18 0.01 3.66
CA CYS A 101 17.03 -1.16 3.78
C CYS A 101 16.22 -2.34 4.27
N GLU A 102 16.75 -3.53 4.08
CA GLU A 102 16.00 -4.72 4.42
C GLU A 102 16.94 -5.82 4.89
N LEU A 103 16.45 -6.60 5.84
CA LEU A 103 17.19 -7.70 6.44
C LEU A 103 16.82 -9.01 5.74
N HIS A 104 17.84 -9.75 5.26
CA HIS A 104 17.66 -11.00 4.52
C HIS A 104 18.05 -12.21 5.37
N SER A 105 17.61 -13.38 4.91
CA SER A 105 18.04 -14.62 5.55
CA SER A 105 18.05 -14.63 5.54
C SER A 105 19.57 -14.69 5.53
N GLY A 106 20.14 -15.07 6.66
CA GLY A 106 21.58 -15.03 6.82
C GLY A 106 22.08 -13.78 7.52
N GLY A 107 21.22 -12.78 7.68
CA GLY A 107 21.52 -11.62 8.49
C GLY A 107 22.02 -10.40 7.74
N ALA A 108 22.29 -10.51 6.44
CA ALA A 108 22.72 -9.34 5.68
C ALA A 108 21.61 -8.31 5.57
N ILE A 109 22.00 -7.04 5.66
CA ILE A 109 21.11 -5.91 5.43
C ILE A 109 21.53 -5.27 4.10
N VAL A 110 20.59 -5.16 3.17
CA VAL A 110 20.85 -4.54 1.88
C VAL A 110 20.03 -3.27 1.75
N SER A 111 20.64 -2.24 1.18
CA SER A 111 19.99 -0.95 1.07
C SER A 111 19.65 -0.64 -0.37
N PHE A 112 18.70 0.27 -0.56
CA PHE A 112 18.25 0.62 -1.89
C PHE A 112 17.78 2.06 -1.92
N LEU A 113 17.85 2.64 -3.12
CA LEU A 113 17.23 3.94 -3.37
C LEU A 113 16.80 3.93 -4.83
N ARG A 114 15.54 4.24 -5.08
CA ARG A 114 14.96 4.26 -6.41
CA ARG A 114 14.99 4.28 -6.41
C ARG A 114 14.21 5.56 -6.61
N GLY A 115 14.28 6.10 -7.82
CA GLY A 115 13.53 7.30 -8.16
C GLY A 115 12.79 7.14 -9.47
N ALA A 116 11.70 7.91 -9.60
CA ALA A 116 10.80 7.79 -10.73
C ALA A 116 10.34 9.17 -11.16
N LEU A 117 10.12 9.31 -12.47
CA LEU A 117 9.52 10.48 -13.08
C LEU A 117 8.40 10.01 -13.97
N GLY A 118 7.23 10.63 -13.86
CA GLY A 118 6.12 10.22 -14.69
C GLY A 118 5.65 8.80 -14.46
N GLY A 119 5.86 8.26 -13.27
CA GLY A 119 5.43 6.92 -12.95
C GLY A 119 6.31 5.83 -13.51
N LEU A 120 7.47 6.18 -14.06
CA LEU A 120 8.39 5.25 -14.66
C LEU A 120 9.73 5.37 -13.95
N ASP A 121 10.42 4.23 -13.81
CA ASP A 121 11.75 4.23 -13.21
C ASP A 121 12.64 5.27 -13.90
N PHE A 122 13.41 5.99 -13.09
CA PHE A 122 14.30 7.04 -13.56
C PHE A 122 15.74 6.79 -13.13
N LEU A 123 15.99 6.49 -11.85
CA LEU A 123 17.34 6.15 -11.43
C LEU A 123 17.27 5.20 -10.24
N SER A 124 18.42 4.62 -9.91
CA SER A 124 18.61 3.87 -8.68
C SER A 124 20.02 4.17 -8.17
N VAL A 125 20.28 3.81 -6.92
CA VAL A 125 21.63 3.91 -6.34
C VAL A 125 22.16 2.49 -6.16
N LYS A 126 23.27 2.19 -6.84
CA LYS A 126 23.96 0.92 -6.71
C LYS A 126 25.40 1.20 -6.31
N ASN A 127 25.86 0.53 -5.25
CA ASN A 127 27.24 0.71 -4.78
C ASN A 127 27.53 2.18 -4.50
N ALA A 128 26.54 2.87 -3.94
CA ALA A 128 26.63 4.31 -3.66
C ALA A 128 26.89 5.15 -4.91
N SER A 129 26.43 4.66 -6.07
CA SER A 129 26.56 5.37 -7.34
CA SER A 129 26.56 5.37 -7.34
C SER A 129 25.17 5.59 -7.94
N CYS A 130 25.00 6.73 -8.61
CA CYS A 130 23.75 7.03 -9.31
C CYS A 130 23.73 6.27 -10.64
N VAL A 131 22.72 5.44 -10.85
CA VAL A 131 22.59 4.67 -12.08
C VAL A 131 21.32 5.09 -12.80
N PRO A 132 21.41 5.74 -13.95
CA PRO A 132 20.21 6.06 -14.73
C PRO A 132 19.53 4.78 -15.21
N SER A 133 18.20 4.77 -15.12
CA SER A 133 17.41 3.68 -15.67
CA SER A 133 17.44 3.67 -15.69
C SER A 133 17.12 3.94 -17.16
N PRO A 134 17.06 2.90 -18.00
CA PRO A 134 16.79 3.14 -19.44
C PRO A 134 15.48 3.86 -19.71
N GLU A 135 14.44 3.60 -18.91
CA GLU A 135 13.19 4.33 -19.05
C GLU A 135 13.38 5.84 -18.89
N GLY A 136 14.37 6.26 -18.11
CA GLY A 136 14.63 7.67 -17.89
C GLY A 136 15.36 8.37 -19.01
N GLY A 137 15.92 7.60 -19.95
CA GLY A 137 16.54 8.14 -21.13
C GLY A 137 17.73 9.07 -20.86
N SER A 138 17.98 9.94 -21.83
CA SER A 138 19.10 10.86 -21.69
C SER A 138 18.88 11.81 -20.53
N ARG A 139 17.62 12.15 -20.26
CA ARG A 139 17.32 12.98 -19.10
C ARG A 139 17.88 12.40 -17.81
N ALA A 140 17.78 11.08 -17.63
CA ALA A 140 18.31 10.47 -16.41
C ALA A 140 19.83 10.45 -16.42
N GLN A 141 20.42 10.25 -17.59
CA GLN A 141 21.86 10.35 -17.71
C GLN A 141 22.34 11.75 -17.35
N LYS A 142 21.63 12.76 -17.85
CA LYS A 142 21.91 14.15 -17.49
C LYS A 142 21.81 14.38 -15.99
N PHE A 143 20.74 13.88 -15.37
CA PHE A 143 20.54 14.08 -13.94
C PHE A 143 21.66 13.44 -13.13
N CYS A 144 22.00 12.18 -13.40
CA CYS A 144 23.02 11.52 -12.61
C CYS A 144 24.36 12.25 -12.72
N ALA A 145 24.73 12.70 -13.92
CA ALA A 145 25.99 13.44 -14.07
C ALA A 145 25.95 14.76 -13.33
N LEU A 146 24.76 15.32 -13.10
CA LEU A 146 24.66 16.61 -12.41
C LEU A 146 24.67 16.42 -10.90
N ILE A 147 23.90 15.45 -10.40
CA ILE A 147 23.74 15.28 -8.96
C ILE A 147 25.06 14.95 -8.27
N ILE A 148 25.94 14.21 -8.92
CA ILE A 148 27.15 13.76 -8.21
C ILE A 148 28.16 14.87 -8.08
N GLN A 149 27.88 16.05 -8.62
CA GLN A 149 28.73 17.22 -8.47
C GLN A 149 28.30 18.15 -7.35
N TYR A 150 27.04 18.05 -6.90
CA TYR A 150 26.59 18.80 -5.73
C TYR A 150 27.33 18.30 -4.51
N GLN A 151 28.17 19.16 -3.92
CA GLN A 151 28.98 18.74 -2.78
C GLN A 151 28.10 18.14 -1.69
N GLY A 152 28.55 17.03 -1.13
CA GLY A 152 27.96 16.47 0.06
C GLY A 152 26.69 15.67 -0.12
N ILE A 153 25.92 15.87 -1.19
CA ILE A 153 24.69 15.09 -1.36
C ILE A 153 25.02 13.60 -1.39
N MET A 154 26.02 13.21 -2.19
CA MET A 154 26.32 11.79 -2.37
C MET A 154 26.88 11.17 -1.11
N GLU A 155 27.64 11.94 -0.34
CA GLU A 155 28.17 11.43 0.93
C GLU A 155 27.06 11.27 1.96
N THR A 156 26.12 12.22 2.04
CA THR A 156 24.99 12.05 2.94
C THR A 156 24.15 10.83 2.57
N VAL A 157 23.92 10.62 1.27
CA VAL A 157 23.13 9.46 0.81
C VAL A 157 23.83 8.16 1.19
N ARG A 158 25.15 8.11 1.00
CA ARG A 158 25.90 6.91 1.32
C ARG A 158 25.83 6.60 2.81
N ILE A 159 26.00 7.63 3.65
CA ILE A 159 25.92 7.44 5.10
C ILE A 159 24.53 6.99 5.51
N LEU A 160 23.51 7.69 5.02
CA LEU A 160 22.15 7.36 5.39
C LEU A 160 21.78 5.94 4.94
N LEU A 161 22.12 5.59 3.70
CA LEU A 161 21.75 4.26 3.16
C LEU A 161 22.51 3.13 3.85
N TYR A 162 23.82 3.27 3.97
CA TYR A 162 24.65 2.11 4.32
C TYR A 162 25.07 2.08 5.77
N GLU A 163 24.86 3.15 6.52
CA GLU A 163 25.31 3.23 7.90
C GLU A 163 24.20 3.59 8.89
N THR A 164 23.33 4.54 8.54
CA THR A 164 22.20 4.88 9.41
C THR A 164 21.05 3.89 9.27
N CYS A 165 20.66 3.57 8.03
CA CYS A 165 19.49 2.70 7.85
C CYS A 165 19.65 1.35 8.53
N PRO A 166 20.74 0.60 8.36
CA PRO A 166 20.78 -0.74 8.96
C PRO A 166 20.64 -0.70 10.46
N ARG A 167 21.29 0.23 11.14
CA ARG A 167 21.15 0.23 12.59
C ARG A 167 19.78 0.74 12.99
N TYR A 168 19.19 1.65 12.22
CA TYR A 168 17.82 2.06 12.50
C TYR A 168 16.86 0.87 12.37
N LEU A 169 16.98 0.14 11.27
CA LEU A 169 16.07 -0.98 11.04
C LEU A 169 16.13 -1.98 12.20
N LEU A 170 17.33 -2.41 12.58
CA LEU A 170 17.44 -3.38 13.66
C LEU A 170 16.83 -2.83 14.94
N GLY A 171 17.13 -1.56 15.27
CA GLY A 171 16.58 -0.99 16.49
C GLY A 171 15.07 -0.90 16.48
N VAL A 172 14.49 -0.59 15.33
CA VAL A 172 13.02 -0.43 15.32
C VAL A 172 12.30 -1.77 15.21
N LEU A 173 12.85 -2.76 14.48
CA LEU A 173 12.28 -4.10 14.53
C LEU A 173 12.24 -4.61 15.97
N ASN A 174 13.32 -4.39 16.73
CA ASN A 174 13.30 -4.79 18.13
C ASN A 174 12.30 -3.96 18.93
N ALA A 175 12.33 -2.64 18.77
CA ALA A 175 11.50 -1.78 19.61
C ALA A 175 10.01 -2.02 19.39
N GLY A 176 9.62 -2.38 18.19
CA GLY A 176 8.22 -2.56 17.89
C GLY A 176 7.73 -3.99 17.92
N LYS A 177 8.52 -4.94 18.43
CA LYS A 177 8.19 -6.35 18.24
C LYS A 177 6.84 -6.72 18.84
N ALA A 178 6.38 -6.02 19.88
CA ALA A 178 5.07 -6.35 20.46
C ALA A 178 3.95 -6.19 19.44
N ASP A 179 4.04 -5.15 18.58
CA ASP A 179 3.09 -5.00 17.49
C ASP A 179 3.52 -5.75 16.23
N LEU A 180 4.81 -5.76 15.93
CA LEU A 180 5.25 -6.28 14.64
C LEU A 180 5.17 -7.80 14.60
N GLN A 181 5.29 -8.48 15.74
CA GLN A 181 5.26 -9.94 15.77
C GLN A 181 4.04 -10.46 16.52
N ARG A 182 3.03 -9.63 16.73
CA ARG A 182 1.78 -10.11 17.30
C ARG A 182 1.07 -11.03 16.31
N GLN A 183 0.08 -11.75 16.83
CA GLN A 183 -0.69 -12.72 16.05
C GLN A 183 -2.17 -12.40 16.21
N VAL A 184 -2.83 -12.15 15.09
CA VAL A 184 -4.25 -11.79 15.10
C VAL A 184 -4.99 -12.82 14.24
N LYS A 185 -5.96 -13.52 14.86
CA LYS A 185 -6.66 -14.59 14.16
C LYS A 185 -7.63 -14.03 13.11
N PRO A 186 -7.72 -14.64 11.93
CA PRO A 186 -8.72 -14.21 10.96
C PRO A 186 -10.11 -14.71 11.32
N GLU A 187 -11.11 -14.05 10.75
CA GLU A 187 -12.43 -14.66 10.64
C GLU A 187 -12.70 -14.97 9.18
N ALA A 188 -13.59 -15.94 8.94
CA ALA A 188 -13.87 -16.33 7.57
C ALA A 188 -15.37 -16.52 7.40
N TRP A 189 -15.83 -16.33 6.16
CA TRP A 189 -17.24 -16.53 5.83
C TRP A 189 -17.34 -16.79 4.34
N LEU A 190 -18.51 -17.29 3.93
CA LEU A 190 -18.76 -17.73 2.57
C LEU A 190 -19.87 -16.88 1.96
N SER A 191 -19.76 -16.62 0.65
CA SER A 191 -20.86 -15.99 -0.07
C SER A 191 -20.89 -16.54 -1.49
N SER A 192 -22.01 -16.29 -2.18
CA SER A 192 -22.22 -16.72 -3.55
C SER A 192 -22.02 -15.50 -4.43
N GLY A 193 -20.86 -15.43 -5.09
CA GLY A 193 -20.43 -14.26 -5.81
C GLY A 193 -20.91 -14.22 -7.25
N PRO A 194 -20.30 -13.35 -8.05
CA PRO A 194 -20.81 -13.07 -9.41
C PRO A 194 -20.74 -14.30 -10.30
N SER A 195 -21.90 -14.66 -10.87
CA SER A 195 -21.98 -15.83 -11.74
C SER A 195 -21.00 -15.69 -12.89
N PRO A 196 -20.16 -16.69 -13.16
CA PRO A 196 -19.26 -16.60 -14.32
C PRO A 196 -20.02 -16.59 -15.64
N GLY A 197 -21.13 -17.30 -15.72
CA GLY A 197 -21.88 -17.46 -16.95
C GLY A 197 -23.03 -18.43 -16.78
N PRO A 198 -23.52 -18.99 -17.89
CA PRO A 198 -24.70 -19.86 -17.81
C PRO A 198 -24.41 -21.17 -17.08
N GLY A 199 -25.37 -21.56 -16.22
CA GLY A 199 -25.32 -22.83 -15.51
C GLY A 199 -24.20 -22.97 -14.51
N ARG A 200 -23.53 -21.87 -14.18
CA ARG A 200 -22.36 -21.90 -13.33
C ARG A 200 -22.47 -20.89 -12.20
N LEU A 201 -21.68 -21.13 -11.16
CA LEU A 201 -21.67 -20.36 -9.92
C LEU A 201 -20.25 -19.99 -9.56
N GLN A 202 -20.08 -18.87 -8.86
CA GLN A 202 -18.82 -18.53 -8.23
C GLN A 202 -19.02 -18.54 -6.71
N LEU A 203 -18.25 -19.39 -6.03
CA LEU A 203 -18.24 -19.45 -4.58
C LEU A 203 -17.11 -18.59 -4.05
N VAL A 204 -17.34 -17.87 -2.95
CA VAL A 204 -16.36 -16.93 -2.44
C VAL A 204 -16.10 -17.22 -0.97
N CYS A 205 -14.84 -17.46 -0.64
CA CYS A 205 -14.40 -17.61 0.75
C CYS A 205 -13.67 -16.32 1.13
N HIS A 206 -14.21 -15.60 2.11
CA HIS A 206 -13.65 -14.35 2.60
C HIS A 206 -12.82 -14.63 3.84
N VAL A 207 -11.65 -14.01 3.94
CA VAL A 207 -10.80 -14.16 5.13
C VAL A 207 -10.31 -12.76 5.52
N SER A 208 -10.62 -12.35 6.74
CA SER A 208 -10.48 -10.95 7.12
C SER A 208 -10.02 -10.80 8.56
N GLY A 209 -9.08 -9.89 8.78
CA GLY A 209 -8.63 -9.52 10.11
C GLY A 209 -7.39 -10.23 10.61
N PHE A 210 -6.66 -10.90 9.73
CA PHE A 210 -5.45 -11.61 10.12
C PHE A 210 -4.22 -10.72 10.08
N TYR A 211 -3.25 -11.06 10.93
CA TYR A 211 -1.89 -10.52 10.99
C TYR A 211 -1.01 -11.56 11.67
N PRO A 212 0.20 -11.85 11.16
CA PRO A 212 0.84 -11.23 10.00
C PRO A 212 0.20 -11.60 8.66
N LYS A 213 0.80 -11.09 7.60
CA LYS A 213 0.23 -11.18 6.26
C LYS A 213 0.18 -12.60 5.68
N PRO A 214 1.18 -13.45 5.86
CA PRO A 214 1.13 -14.76 5.18
C PRO A 214 -0.09 -15.55 5.64
N VAL A 215 -0.77 -16.17 4.67
CA VAL A 215 -2.00 -16.91 4.97
C VAL A 215 -2.23 -17.95 3.88
N TRP A 216 -3.01 -18.98 4.20
CA TRP A 216 -3.29 -20.08 3.29
C TRP A 216 -4.80 -20.30 3.29
N VAL A 217 -5.41 -20.20 2.10
CA VAL A 217 -6.85 -20.35 1.89
C VAL A 217 -7.05 -21.24 0.68
N MET A 218 -7.87 -22.27 0.80
CA MET A 218 -8.08 -23.15 -0.34
C MET A 218 -9.49 -23.71 -0.34
N TRP A 219 -10.12 -23.80 -1.52
CA TRP A 219 -11.36 -24.57 -1.63
C TRP A 219 -11.02 -26.06 -1.69
N MET A 220 -11.84 -26.88 -1.02
CA MET A 220 -11.58 -28.30 -0.81
C MET A 220 -12.83 -29.12 -1.12
N ARG A 221 -12.62 -30.33 -1.64
CA ARG A 221 -13.63 -31.38 -1.57
C ARG A 221 -13.06 -32.46 -0.65
N GLY A 222 -13.60 -32.53 0.57
CA GLY A 222 -12.98 -33.33 1.60
C GLY A 222 -11.52 -32.98 1.74
N GLU A 223 -10.65 -33.95 1.50
CA GLU A 223 -9.22 -33.67 1.63
C GLU A 223 -8.56 -33.25 0.32
N GLN A 224 -9.31 -33.15 -0.78
CA GLN A 224 -8.71 -32.80 -2.06
C GLN A 224 -8.77 -31.30 -2.27
N GLU A 225 -7.60 -30.69 -2.42
CA GLU A 225 -7.51 -29.25 -2.68
C GLU A 225 -7.92 -28.96 -4.12
N GLN A 226 -8.88 -28.05 -4.30
CA GLN A 226 -9.33 -27.76 -5.65
C GLN A 226 -8.32 -26.82 -6.30
N GLN A 227 -7.63 -27.33 -7.33
CA GLN A 227 -6.67 -26.53 -8.06
C GLN A 227 -7.32 -25.31 -8.72
N GLY A 228 -8.64 -25.34 -8.92
CA GLY A 228 -9.32 -24.21 -9.50
C GLY A 228 -9.42 -22.99 -8.60
N THR A 229 -9.00 -23.11 -7.34
CA THR A 229 -9.07 -22.01 -6.39
C THR A 229 -8.32 -20.79 -6.94
N GLN A 230 -8.95 -19.61 -6.85
CA GLN A 230 -8.35 -18.36 -7.32
C GLN A 230 -8.24 -17.38 -6.16
N LEU A 231 -7.01 -17.00 -5.84
CA LEU A 231 -6.76 -16.03 -4.79
C LEU A 231 -6.87 -14.63 -5.35
N GLY A 232 -7.66 -13.79 -4.69
CA GLY A 232 -7.66 -12.38 -5.00
C GLY A 232 -6.43 -11.73 -4.40
N ASP A 233 -6.30 -10.43 -4.60
CA ASP A 233 -5.17 -9.74 -4.01
C ASP A 233 -5.41 -9.44 -2.53
N ILE A 234 -4.33 -9.40 -1.76
CA ILE A 234 -4.43 -9.10 -0.35
C ILE A 234 -4.75 -7.61 -0.19
N LEU A 235 -5.89 -7.31 0.46
CA LEU A 235 -6.34 -5.94 0.61
C LEU A 235 -6.16 -5.48 2.05
N PRO A 236 -5.85 -4.21 2.30
CA PRO A 236 -5.69 -3.76 3.68
C PRO A 236 -7.02 -3.46 4.35
N ASN A 237 -7.06 -3.76 5.65
CA ASN A 237 -7.99 -3.18 6.61
C ASN A 237 -7.27 -2.09 7.37
N ALA A 238 -8.04 -1.20 7.97
CA ALA A 238 -7.46 -0.31 8.96
C ALA A 238 -6.92 -1.13 10.12
N ASN A 239 -5.89 -0.60 10.78
CA ASN A 239 -5.34 -1.18 12.02
C ASN A 239 -4.57 -2.47 11.76
N TRP A 240 -3.84 -2.51 10.64
CA TRP A 240 -2.75 -3.48 10.43
C TRP A 240 -3.26 -4.92 10.41
N THR A 241 -4.35 -5.15 9.68
CA THR A 241 -4.79 -6.50 9.33
C THR A 241 -5.10 -6.51 7.84
N TRP A 242 -5.41 -7.69 7.30
CA TRP A 242 -5.55 -7.91 5.87
CA TRP A 242 -5.63 -7.79 5.87
C TRP A 242 -6.87 -8.63 5.57
N TYR A 243 -7.27 -8.55 4.32
CA TYR A 243 -8.48 -9.17 3.80
C TYR A 243 -8.12 -9.88 2.50
N LEU A 244 -8.77 -11.02 2.27
CA LEU A 244 -8.42 -11.86 1.13
C LEU A 244 -9.65 -12.66 0.71
N ARG A 245 -9.93 -12.70 -0.58
CA ARG A 245 -10.94 -13.56 -1.15
C ARG A 245 -10.29 -14.72 -1.90
N ALA A 246 -10.87 -15.90 -1.77
CA ALA A 246 -10.52 -17.04 -2.60
C ALA A 246 -11.81 -17.52 -3.26
N THR A 247 -11.82 -17.57 -4.58
CA THR A 247 -13.03 -17.90 -5.33
C THR A 247 -12.85 -19.20 -6.09
N LEU A 248 -13.99 -19.79 -6.46
CA LEU A 248 -14.01 -21.04 -7.21
C LEU A 248 -15.20 -21.02 -8.14
N ASP A 249 -14.97 -21.21 -9.44
CA ASP A 249 -16.05 -21.25 -10.42
C ASP A 249 -16.47 -22.70 -10.64
N VAL A 250 -17.75 -23.00 -10.37
CA VAL A 250 -18.23 -24.38 -10.35
C VAL A 250 -19.55 -24.49 -11.10
N ALA A 251 -19.75 -25.63 -11.75
CA ALA A 251 -21.01 -25.92 -12.40
C ALA A 251 -22.15 -25.94 -11.38
N ASP A 252 -23.33 -25.46 -11.81
CA ASP A 252 -24.50 -25.31 -10.94
C ASP A 252 -24.66 -26.46 -9.96
N GLY A 253 -24.69 -27.69 -10.46
CA GLY A 253 -24.98 -28.84 -9.64
C GLY A 253 -23.77 -29.54 -9.06
N GLU A 254 -22.61 -28.88 -9.06
CA GLU A 254 -21.40 -29.47 -8.50
C GLU A 254 -20.87 -28.69 -7.30
N ALA A 255 -21.62 -27.71 -6.80
CA ALA A 255 -21.17 -26.95 -5.65
C ALA A 255 -21.30 -27.75 -4.36
N ALA A 256 -22.25 -28.68 -4.29
CA ALA A 256 -22.42 -29.47 -3.07
C ALA A 256 -21.17 -30.28 -2.80
N GLY A 257 -20.78 -30.31 -1.53
CA GLY A 257 -19.58 -31.02 -1.12
C GLY A 257 -18.36 -30.15 -0.99
N LEU A 258 -18.43 -28.89 -1.39
CA LEU A 258 -17.27 -28.01 -1.30
C LEU A 258 -17.13 -27.43 0.10
N SER A 259 -15.88 -27.18 0.50
CA SER A 259 -15.57 -26.47 1.74
C SER A 259 -14.39 -25.56 1.48
N CYS A 260 -14.20 -24.62 2.41
CA CYS A 260 -13.07 -23.69 2.40
C CYS A 260 -12.26 -23.92 3.67
N ARG A 261 -10.95 -24.08 3.51
CA ARG A 261 -10.05 -24.27 4.65
C ARG A 261 -9.09 -23.09 4.75
N VAL A 262 -8.94 -22.53 5.95
CA VAL A 262 -8.04 -21.40 6.20
C VAL A 262 -6.97 -21.84 7.20
N LYS A 263 -5.71 -21.59 6.84
CA LYS A 263 -4.57 -21.83 7.70
C LYS A 263 -3.86 -20.50 7.94
N HIS A 264 -3.51 -20.24 9.20
CA HIS A 264 -2.78 -19.03 9.54
C HIS A 264 -1.96 -19.28 10.81
N SER A 265 -0.82 -18.60 10.87
CA SER A 265 0.10 -18.77 11.98
C SER A 265 -0.54 -18.50 13.34
N SER A 266 -1.59 -17.67 13.38
CA SER A 266 -2.23 -17.33 14.65
C SER A 266 -3.05 -18.49 15.21
N LEU A 267 -3.48 -19.42 14.36
CA LEU A 267 -4.46 -20.44 14.72
C LEU A 267 -3.88 -21.59 15.51
N GLU A 268 -2.55 -21.63 15.70
CA GLU A 268 -1.89 -22.71 16.42
C GLU A 268 -2.34 -24.09 15.91
N GLY A 269 -2.37 -24.21 14.59
CA GLY A 269 -2.63 -25.46 13.93
C GLY A 269 -4.10 -25.87 13.86
N GLN A 270 -5.01 -25.03 14.31
CA GLN A 270 -6.45 -25.34 14.27
C GLN A 270 -7.06 -24.58 13.09
N ASP A 271 -7.01 -25.19 11.91
CA ASP A 271 -7.54 -24.57 10.70
C ASP A 271 -9.00 -24.18 10.86
N ILE A 272 -9.42 -23.15 10.13
CA ILE A 272 -10.84 -22.80 9.99
C ILE A 272 -11.39 -23.60 8.81
N ILE A 273 -12.57 -24.20 8.96
CA ILE A 273 -13.20 -24.93 7.87
C ILE A 273 -14.66 -24.49 7.76
N LEU A 274 -15.03 -23.98 6.60
CA LEU A 274 -16.40 -23.59 6.27
C LEU A 274 -16.94 -24.53 5.22
N TYR A 275 -18.21 -24.90 5.32
CA TYR A 275 -18.82 -25.84 4.40
C TYR A 275 -19.89 -25.11 3.60
N TRP A 276 -19.82 -25.23 2.27
CA TRP A 276 -20.88 -24.69 1.42
C TRP A 276 -22.07 -25.64 1.40
N ARG A 277 -23.27 -25.12 1.67
CA ARG A 277 -24.47 -25.92 1.61
C ARG A 277 -25.36 -25.48 0.45
N GLY A 278 -26.02 -26.44 -0.19
CA GLY A 278 -26.85 -26.15 -1.34
C GLY A 278 -28.17 -25.50 -0.96
N SER A 279 -28.91 -25.08 -2.00
CA SER A 279 -30.31 -24.66 -1.90
C SER A 279 -30.51 -23.49 -0.92
N GLY A 280 -29.57 -22.55 -0.91
CA GLY A 280 -29.74 -21.35 -0.11
C GLY A 280 -29.79 -21.59 1.39
N LEU A 281 -29.18 -22.68 1.86
CA LEU A 281 -28.99 -22.91 3.29
C LEU A 281 -27.66 -22.32 3.78
N ASN A 282 -27.18 -21.28 3.11
CA ASN A 282 -25.92 -20.60 3.42
C ASN A 282 -24.72 -21.53 3.30
N LYS B 2 3.95 11.32 -20.73
CA LYS B 2 3.78 10.30 -19.71
C LYS B 2 2.37 9.72 -19.75
N ILE B 3 2.28 8.41 -19.59
CA ILE B 3 1.01 7.71 -19.64
C ILE B 3 0.40 7.69 -18.24
N GLN B 4 -0.84 8.14 -18.14
CA GLN B 4 -1.52 8.16 -16.86
C GLN B 4 -2.27 6.86 -16.66
N ARG B 5 -2.41 6.44 -15.41
CA ARG B 5 -3.04 5.18 -15.08
C ARG B 5 -4.33 5.44 -14.33
N THR B 6 -5.41 4.71 -14.72
CA THR B 6 -6.67 5.03 -14.08
C THR B 6 -6.84 4.20 -12.83
N PRO B 7 -7.57 4.72 -11.83
CA PRO B 7 -7.67 4.00 -10.55
C PRO B 7 -8.50 2.73 -10.65
N LYS B 8 -8.00 1.68 -10.03
CA LYS B 8 -8.82 0.53 -9.69
C LYS B 8 -9.50 0.79 -8.36
N ILE B 9 -10.75 0.35 -8.22
CA ILE B 9 -11.56 0.67 -7.04
C ILE B 9 -12.17 -0.60 -6.51
N GLN B 10 -11.87 -0.92 -5.24
CA GLN B 10 -12.36 -2.15 -4.62
C GLN B 10 -13.04 -1.83 -3.29
N VAL B 11 -14.31 -2.22 -3.18
CA VAL B 11 -15.14 -1.89 -2.03
C VAL B 11 -15.48 -3.17 -1.28
N TYR B 12 -15.29 -3.17 0.04
CA TYR B 12 -15.45 -4.37 0.85
C TYR B 12 -15.69 -3.97 2.30
N SER B 13 -16.48 -4.78 3.01
CA SER B 13 -16.67 -4.56 4.43
C SER B 13 -15.64 -5.33 5.24
N ARG B 14 -15.27 -4.76 6.39
CA ARG B 14 -14.28 -5.39 7.26
C ARG B 14 -14.81 -6.71 7.82
N HIS B 15 -16.11 -6.79 8.05
CA HIS B 15 -16.78 -7.93 8.67
C HIS B 15 -17.90 -8.39 7.76
N PRO B 16 -18.30 -9.66 7.84
CA PRO B 16 -19.50 -10.08 7.12
C PRO B 16 -20.66 -9.16 7.48
N ALA B 17 -21.40 -8.75 6.46
CA ALA B 17 -22.50 -7.83 6.67
C ALA B 17 -23.64 -8.53 7.40
N GLU B 18 -23.96 -8.07 8.60
CA GLU B 18 -25.17 -8.45 9.31
C GLU B 18 -26.02 -7.21 9.51
N ASN B 19 -27.24 -7.23 8.96
CA ASN B 19 -28.14 -6.09 9.05
C ASN B 19 -28.25 -5.57 10.47
N GLY B 20 -27.98 -4.28 10.65
CA GLY B 20 -28.11 -3.64 11.94
C GLY B 20 -26.92 -3.79 12.88
N LYS B 21 -25.82 -4.36 12.41
CA LYS B 21 -24.61 -4.51 13.21
C LYS B 21 -23.54 -3.58 12.67
N SER B 22 -23.01 -2.72 13.56
CA SER B 22 -21.94 -1.80 13.18
C SER B 22 -20.77 -2.54 12.54
N ASN B 23 -20.20 -1.94 11.50
CA ASN B 23 -19.22 -2.60 10.65
C ASN B 23 -18.26 -1.52 10.14
N PHE B 24 -17.38 -1.90 9.23
CA PHE B 24 -16.48 -0.95 8.60
C PHE B 24 -16.50 -1.17 7.10
N LEU B 25 -16.70 -0.10 6.34
CA LEU B 25 -16.71 -0.12 4.89
C LEU B 25 -15.36 0.37 4.39
N ASN B 26 -14.70 -0.42 3.55
CA ASN B 26 -13.39 -0.10 2.99
C ASN B 26 -13.50 0.15 1.48
N CYS B 27 -12.83 1.20 1.02
CA CYS B 27 -12.62 1.46 -0.39
C CYS B 27 -11.11 1.58 -0.63
N TYR B 28 -10.59 0.64 -1.39
CA TYR B 28 -9.19 0.57 -1.74
C TYR B 28 -9.06 1.08 -3.16
N VAL B 29 -8.32 2.16 -3.34
CA VAL B 29 -8.12 2.80 -4.64
C VAL B 29 -6.65 2.66 -4.98
N SER B 30 -6.35 2.06 -6.14
CA SER B 30 -4.98 1.66 -6.41
C SER B 30 -4.70 1.73 -7.90
N GLY B 31 -3.42 1.54 -8.24
CA GLY B 31 -3.02 1.44 -9.62
C GLY B 31 -3.02 2.74 -10.38
N PHE B 32 -3.17 3.89 -9.73
CA PHE B 32 -3.38 5.11 -10.50
C PHE B 32 -2.13 5.98 -10.51
N HIS B 33 -2.09 6.89 -11.48
CA HIS B 33 -1.03 7.88 -11.68
C HIS B 33 -1.56 8.99 -12.58
N PRO B 34 -1.35 10.27 -12.23
CA PRO B 34 -0.65 10.80 -11.05
C PRO B 34 -1.42 10.60 -9.75
N SER B 35 -0.93 11.20 -8.67
CA SER B 35 -1.45 10.91 -7.33
C SER B 35 -2.69 11.73 -6.98
N ASP B 36 -2.85 12.91 -7.57
CA ASP B 36 -4.02 13.75 -7.32
C ASP B 36 -5.28 12.93 -7.56
N ILE B 37 -6.12 12.80 -6.53
CA ILE B 37 -7.33 11.99 -6.64
C ILE B 37 -8.31 12.48 -5.59
N GLU B 38 -9.59 12.22 -5.84
CA GLU B 38 -10.65 12.56 -4.90
C GLU B 38 -11.50 11.32 -4.67
N VAL B 39 -11.72 10.98 -3.41
CA VAL B 39 -12.42 9.76 -3.04
C VAL B 39 -13.47 10.09 -1.98
N ASP B 40 -14.71 9.67 -2.22
CA ASP B 40 -15.79 9.77 -1.24
C ASP B 40 -16.43 8.41 -1.03
N LEU B 41 -16.84 8.12 0.20
CA LEU B 41 -17.77 7.04 0.45
C LEU B 41 -19.18 7.61 0.46
N LEU B 42 -20.12 6.87 -0.14
CA LEU B 42 -21.48 7.35 -0.30
C LEU B 42 -22.46 6.45 0.42
N LYS B 43 -23.53 7.05 0.94
CA LYS B 43 -24.67 6.32 1.48
C LYS B 43 -25.91 6.80 0.74
N ASN B 44 -26.56 5.91 0.01
CA ASN B 44 -27.69 6.24 -0.84
C ASN B 44 -27.38 7.47 -1.69
N GLY B 45 -26.23 7.40 -2.39
CA GLY B 45 -25.77 8.47 -3.24
C GLY B 45 -25.19 9.68 -2.55
N GLU B 46 -25.43 9.83 -1.26
CA GLU B 46 -24.96 11.05 -0.55
C GLU B 46 -23.61 10.83 0.11
N ARG B 47 -22.84 11.91 0.18
CA ARG B 47 -21.51 11.85 0.76
C ARG B 47 -21.58 11.58 2.26
N ILE B 48 -20.67 10.73 2.74
CA ILE B 48 -20.48 10.48 4.17
C ILE B 48 -19.37 11.40 4.66
N GLU B 49 -19.62 12.12 5.75
CA GLU B 49 -18.68 13.17 6.16
C GLU B 49 -17.49 12.60 6.95
N LYS B 50 -17.76 11.79 7.97
CA LYS B 50 -16.67 11.22 8.78
C LYS B 50 -16.10 10.01 8.07
N VAL B 51 -15.10 10.24 7.22
CA VAL B 51 -14.40 9.20 6.50
C VAL B 51 -12.90 9.39 6.74
N GLU B 52 -12.22 8.32 7.12
CA GLU B 52 -10.78 8.34 7.33
C GLU B 52 -10.08 7.78 6.10
N HIS B 53 -8.80 8.13 5.96
CA HIS B 53 -8.04 7.61 4.83
C HIS B 53 -6.55 7.60 5.17
N SER B 54 -5.83 6.72 4.49
CA SER B 54 -4.40 6.54 4.69
C SER B 54 -3.62 7.65 4.02
N ASP B 55 -2.39 7.85 4.52
CA ASP B 55 -1.43 8.69 3.82
C ASP B 55 -1.06 8.05 2.48
N LEU B 56 -0.64 8.89 1.54
CA LEU B 56 -0.30 8.41 0.21
C LEU B 56 0.81 7.37 0.27
N SER B 57 0.65 6.31 -0.53
CA SER B 57 1.74 5.36 -0.72
C SER B 57 1.73 4.93 -2.18
N PHE B 58 2.70 4.12 -2.55
CA PHE B 58 2.69 3.61 -3.92
C PHE B 58 3.30 2.23 -3.95
N SER B 59 3.05 1.53 -5.04
N SER B 59 3.04 1.52 -5.03
CA SER B 59 3.48 0.15 -5.22
CA SER B 59 3.49 0.14 -5.18
C SER B 59 4.84 0.10 -5.91
C SER B 59 4.82 0.10 -5.94
N LYS B 60 5.36 -1.11 -6.09
CA LYS B 60 6.66 -1.28 -6.74
C LYS B 60 6.68 -0.71 -8.14
N ASP B 61 5.55 -0.71 -8.84
CA ASP B 61 5.48 -0.16 -10.20
C ASP B 61 5.20 1.33 -10.22
N TRP B 62 5.24 1.98 -9.06
CA TRP B 62 5.07 3.42 -8.82
C TRP B 62 3.62 3.86 -8.86
N SER B 63 2.65 2.95 -9.09
N SER B 63 2.66 2.96 -9.08
CA SER B 63 1.25 3.32 -9.00
CA SER B 63 1.25 3.35 -9.02
C SER B 63 0.86 3.62 -7.55
C SER B 63 0.85 3.61 -7.57
N PHE B 64 0.02 4.63 -7.38
CA PHE B 64 -0.38 5.06 -6.03
C PHE B 64 -1.54 4.22 -5.51
N TYR B 65 -1.67 4.16 -4.19
CA TYR B 65 -2.84 3.50 -3.60
C TYR B 65 -3.21 4.15 -2.28
N LEU B 66 -4.50 4.11 -1.97
CA LEU B 66 -5.04 4.71 -0.76
C LEU B 66 -6.17 3.82 -0.25
N LEU B 67 -6.32 3.78 1.08
CA LEU B 67 -7.47 3.17 1.72
C LEU B 67 -8.33 4.25 2.36
N TYR B 68 -9.63 4.27 2.00
CA TYR B 68 -10.65 5.06 2.68
C TYR B 68 -11.57 4.12 3.44
N TYR B 69 -11.96 4.51 4.65
CA TYR B 69 -12.82 3.62 5.43
C TYR B 69 -13.65 4.44 6.38
N THR B 70 -14.79 3.89 6.78
CA THR B 70 -15.59 4.51 7.82
C THR B 70 -16.49 3.45 8.45
N GLU B 71 -16.96 3.75 9.67
CA GLU B 71 -17.94 2.89 10.32
C GLU B 71 -19.28 3.01 9.59
N PHE B 72 -19.98 1.88 9.46
CA PHE B 72 -21.34 1.88 8.94
C PHE B 72 -22.08 0.66 9.48
N THR B 73 -23.39 0.74 9.42
CA THR B 73 -24.27 -0.34 9.83
C THR B 73 -25.07 -0.80 8.61
N PRO B 74 -24.77 -1.95 8.04
CA PRO B 74 -25.52 -2.41 6.86
C PRO B 74 -26.98 -2.67 7.19
N THR B 75 -27.84 -2.34 6.25
CA THR B 75 -29.26 -2.70 6.31
C THR B 75 -29.61 -3.48 5.05
N GLU B 76 -30.91 -3.68 4.83
CA GLU B 76 -31.36 -4.36 3.61
C GLU B 76 -31.52 -3.37 2.46
N LYS B 77 -32.07 -2.19 2.74
CA LYS B 77 -32.42 -1.24 1.69
C LYS B 77 -31.30 -0.25 1.37
N ASP B 78 -30.44 0.08 2.34
CA ASP B 78 -29.45 1.12 2.14
C ASP B 78 -28.34 0.66 1.19
N GLU B 79 -27.86 1.60 0.37
CA GLU B 79 -26.81 1.33 -0.61
C GLU B 79 -25.59 2.16 -0.27
N TYR B 80 -24.41 1.55 -0.40
CA TYR B 80 -23.15 2.22 -0.15
C TYR B 80 -22.25 2.07 -1.35
N ALA B 81 -21.40 3.08 -1.57
CA ALA B 81 -20.55 3.10 -2.76
C ALA B 81 -19.29 3.91 -2.49
N CYS B 82 -18.35 3.81 -3.43
CA CYS B 82 -17.12 4.57 -3.43
C CYS B 82 -17.06 5.34 -4.74
N ARG B 83 -16.93 6.65 -4.67
CA ARG B 83 -16.90 7.51 -5.83
C ARG B 83 -15.53 8.14 -5.94
N VAL B 84 -14.89 7.98 -7.10
CA VAL B 84 -13.52 8.41 -7.34
C VAL B 84 -13.48 9.36 -8.51
N ASN B 85 -12.73 10.45 -8.36
CA ASN B 85 -12.39 11.31 -9.48
C ASN B 85 -10.88 11.39 -9.63
N HIS B 86 -10.44 11.45 -10.87
CA HIS B 86 -9.03 11.40 -11.24
C HIS B 86 -8.89 12.05 -12.60
N VAL B 87 -7.68 12.57 -12.90
CA VAL B 87 -7.46 13.21 -14.20
C VAL B 87 -7.75 12.23 -15.35
N THR B 88 -7.63 10.93 -15.12
CA THR B 88 -7.91 9.94 -16.16
C THR B 88 -9.40 9.72 -16.40
N LEU B 89 -10.27 10.27 -15.56
CA LEU B 89 -11.70 10.03 -15.65
C LEU B 89 -12.40 11.32 -16.06
N SER B 90 -13.28 11.23 -17.04
CA SER B 90 -14.01 12.40 -17.48
C SER B 90 -15.17 12.71 -16.56
N GLN B 91 -15.66 11.71 -15.84
CA GLN B 91 -16.73 11.85 -14.87
C GLN B 91 -16.39 10.95 -13.68
N PRO B 92 -16.93 11.25 -12.50
CA PRO B 92 -16.65 10.40 -11.34
C PRO B 92 -17.07 8.96 -11.58
N LYS B 93 -16.24 8.03 -11.13
CA LYS B 93 -16.50 6.61 -11.24
C LYS B 93 -17.05 6.10 -9.91
N ILE B 94 -18.20 5.43 -9.95
CA ILE B 94 -18.87 4.97 -8.74
C ILE B 94 -18.85 3.46 -8.72
N VAL B 95 -18.41 2.88 -7.60
CA VAL B 95 -18.41 1.44 -7.39
C VAL B 95 -19.19 1.15 -6.12
N LYS B 96 -20.32 0.48 -6.27
CA LYS B 96 -21.16 0.19 -5.12
C LYS B 96 -20.66 -1.05 -4.39
N TRP B 97 -20.88 -1.07 -3.08
CA TRP B 97 -20.57 -2.22 -2.26
C TRP B 97 -21.61 -3.32 -2.44
N ASP B 98 -21.15 -4.57 -2.45
CA ASP B 98 -21.99 -5.74 -2.73
C ASP B 98 -21.56 -6.86 -1.79
N ARG B 99 -22.43 -7.22 -0.85
CA ARG B 99 -22.10 -8.26 0.12
C ARG B 99 -22.01 -9.66 -0.49
N ASP B 100 -22.70 -9.89 -1.61
CA ASP B 100 -22.66 -11.19 -2.26
C ASP B 100 -21.62 -11.24 -3.38
#